data_5O1J
#
_entry.id   5O1J
#
_cell.length_a   68.135
_cell.length_b   69.122
_cell.length_c   143.321
_cell.angle_alpha   90.00
_cell.angle_beta   90.00
_cell.angle_gamma   90.00
#
_symmetry.space_group_name_H-M   'P 21 21 21'
#
loop_
_entity.id
_entity.type
_entity.pdbx_description
1 polymer 'Putative soluble lytic murein transglycosylase'
2 branched 2-acetamido-2-deoxy-beta-D-glucopyranose-(1-4)-2-acetamido-2-deoxy-beta-D-glucopyranose-(1-4)-1,6-anhydro-N-acetyl-beta-D-glucopyranosamine
3 non-polymer 'ZINC ION'
4 water water
#
_entity_poly.entity_id   1
_entity_poly.type   'polypeptide(L)'
_entity_poly.pdbx_seq_one_letter_code
;AETADLSASVPTRPAEPERKTLADYGGYPSALDAVKQKNDAAVAAYLENAGDSAMAENVRNEWLKSLGARRQWTLFAQEY
AKLEPAGRAQEVECYADSSRNDYTRAAELVKNTGKLPSGCTKLLEQAAASGLLDGNDAWRRVRGLLAGRQTTDARNLAAA
LGSPFDGGTQGSREYALLNVIGKEARKSPNAAALLSEMESGLSLEQRSFAWGVLGHYQSQNLNVPAALDYYGKVADRRQL
TDDQIEWYARAALRARRWDELASVISHMPEKLQKSPTWLYWLARSRAATGNNQEAEKLYKQAAATGRNFYAVLAGEELGR
KIDTRNNVPDAGKNSVRRMAEDGAVKRALVLFQNSQSAGDAKMRRQAQAEWRFATRGFDEDKLLTAAQTAFDHGFYDMAV
NSAERTDRKLNYTLRYISPFKDTVIRHAQNVNVDPAWVYGLIRQESRFVIGAQSRVGAQGLMQVMPATAREIAGKIGMDA
AQLYTADGNIRMGTWYMADTKRRLQNNEVLATAGYNAGPGRARRWQADTPLEGAVYAETIPFSETRDYVKKVMANAAYYA
ALFGAPHIPLKQRMGIVPAR
;
_entity_poly.pdbx_strand_id   A
#
loop_
_chem_comp.id
_chem_comp.type
_chem_comp.name
_chem_comp.formula
NAG D-saccharide, beta linking 2-acetamido-2-deoxy-beta-D-glucopyranose 'C8 H15 N O6'
Z4S D-saccharide 1,6-anhydro-N-acetyl-beta-D-glucopyranosamine 'C8 H13 N O5'
ZN non-polymer 'ZINC ION' 'Zn 2'
#
# COMPACT_ATOMS: atom_id res chain seq x y z
N ALA A 1 1.04 -37.08 8.71
CA ALA A 1 0.31 -38.18 9.38
C ALA A 1 -0.98 -37.66 10.10
N GLU A 2 -1.13 -36.35 10.24
CA GLU A 2 -2.35 -35.84 10.84
C GLU A 2 -3.28 -35.04 9.92
N THR A 3 -4.56 -35.32 10.00
CA THR A 3 -5.53 -34.49 9.32
C THR A 3 -5.51 -33.05 9.90
N ALA A 4 -5.94 -32.07 9.10
CA ALA A 4 -5.85 -30.69 9.54
C ALA A 4 -6.91 -30.41 10.65
N ASP A 5 -6.56 -29.54 11.57
CA ASP A 5 -7.45 -29.13 12.67
C ASP A 5 -7.07 -27.71 13.02
N LEU A 6 -7.96 -27.07 13.79
CA LEU A 6 -7.78 -25.69 14.24
C LEU A 6 -7.79 -25.61 15.77
N SER A 7 -6.67 -25.22 16.35
CA SER A 7 -6.57 -24.99 17.80
C SER A 7 -7.66 -24.08 18.38
N ALA A 8 -8.36 -24.56 19.38
CA ALA A 8 -9.36 -23.76 20.11
C ALA A 8 -8.77 -22.74 21.12
N SER A 9 -7.46 -22.55 21.13
CA SER A 9 -6.83 -21.60 22.09
C SER A 9 -7.23 -20.13 21.80
N VAL A 10 -7.76 -19.42 22.80
CA VAL A 10 -8.06 -17.98 22.64
C VAL A 10 -7.50 -17.17 23.81
N PRO A 11 -7.02 -15.95 23.55
CA PRO A 11 -6.52 -15.08 24.60
C PRO A 11 -7.64 -14.68 25.56
N THR A 12 -7.27 -14.39 26.79
CA THR A 12 -8.27 -14.15 27.81
C THR A 12 -7.88 -12.88 28.56
N ARG A 13 -7.43 -11.85 27.81
CA ARG A 13 -7.10 -10.55 28.34
C ARG A 13 -8.31 -9.91 29.04
N PRO A 14 -8.05 -9.15 30.11
CA PRO A 14 -9.15 -8.70 30.97
C PRO A 14 -10.11 -7.79 30.23
N ALA A 15 -11.41 -8.03 30.35
CA ALA A 15 -12.42 -7.22 29.66
C ALA A 15 -12.92 -6.12 30.58
N GLU A 16 -13.45 -5.06 29.98
CA GLU A 16 -13.93 -3.90 30.73
C GLU A 16 -15.37 -3.72 30.22
N PRO A 17 -16.25 -3.06 31.00
CA PRO A 17 -17.62 -2.85 30.53
C PRO A 17 -17.75 -1.88 29.38
N GLU A 18 -18.87 -1.98 28.66
CA GLU A 18 -19.15 -1.08 27.54
C GLU A 18 -18.94 0.38 27.89
N ARG A 19 -19.44 0.79 29.07
CA ARG A 19 -19.33 2.20 29.51
C ARG A 19 -17.90 2.74 29.63
N LYS A 20 -17.04 1.95 30.22
CA LYS A 20 -15.65 2.31 30.35
C LYS A 20 -15.00 2.48 28.95
N THR A 21 -15.28 1.56 28.02
CA THR A 21 -14.72 1.68 26.67
C THR A 21 -15.11 3.01 26.00
N LEU A 22 -16.40 3.35 26.11
CA LEU A 22 -16.92 4.58 25.50
C LEU A 22 -16.41 5.84 26.23
N ALA A 23 -16.15 5.73 27.53
CA ALA A 23 -15.51 6.83 28.28
C ALA A 23 -14.06 7.06 27.87
N ASP A 24 -13.24 6.00 27.83
CA ASP A 24 -11.89 6.08 27.27
C ASP A 24 -11.89 6.66 25.85
N TYR A 25 -12.81 6.20 24.99
CA TYR A 25 -12.91 6.82 23.65
C TYR A 25 -13.28 8.29 23.73
N GLY A 26 -14.16 8.62 24.70
CA GLY A 26 -14.59 10.01 24.96
C GLY A 26 -13.44 10.98 25.25
N GLY A 27 -12.48 10.53 26.08
CA GLY A 27 -11.31 11.28 26.49
C GLY A 27 -10.11 11.12 25.55
N TYR A 28 -10.23 10.30 24.52
CA TYR A 28 -9.11 10.11 23.60
C TYR A 28 -8.61 11.39 22.90
N PRO A 29 -9.52 12.20 22.29
CA PRO A 29 -9.03 13.43 21.70
C PRO A 29 -8.40 14.42 22.69
N SER A 30 -8.91 14.48 23.90
CA SER A 30 -8.32 15.30 24.91
C SER A 30 -6.89 14.86 25.22
N ALA A 31 -6.67 13.56 25.29
CA ALA A 31 -5.34 13.07 25.66
C ALA A 31 -4.34 13.42 24.56
N LEU A 32 -4.77 13.31 23.29
CA LEU A 32 -3.88 13.67 22.17
C LEU A 32 -3.59 15.20 22.11
N ASP A 33 -4.55 16.02 22.56
CA ASP A 33 -4.28 17.47 22.60
C ASP A 33 -3.40 17.77 23.79
N ALA A 34 -3.60 17.07 24.90
CA ALA A 34 -2.67 17.20 26.06
C ALA A 34 -1.19 16.90 25.65
N VAL A 35 -0.96 15.93 24.80
CA VAL A 35 0.40 15.65 24.33
C VAL A 35 0.90 16.89 23.54
N LYS A 36 0.05 17.45 22.65
CA LYS A 36 0.52 18.54 21.78
C LYS A 36 0.77 19.82 22.58
N GLN A 37 0.06 20.01 23.70
CA GLN A 37 0.23 21.18 24.54
C GLN A 37 1.17 20.93 25.69
N LYS A 38 1.74 19.74 25.74
CA LYS A 38 2.73 19.33 26.72
C LYS A 38 2.14 19.30 28.13
N ASN A 39 0.86 18.93 28.24
CA ASN A 39 0.26 18.78 29.56
C ASN A 39 0.52 17.38 30.12
N ASP A 40 1.69 17.20 30.71
CA ASP A 40 2.21 15.87 31.03
C ASP A 40 1.36 15.20 32.07
N ALA A 41 0.83 15.97 33.02
CA ALA A 41 -0.06 15.44 34.04
C ALA A 41 -1.35 14.92 33.44
N ALA A 42 -1.87 15.60 32.43
CA ALA A 42 -3.13 15.20 31.83
C ALA A 42 -2.91 13.92 30.99
N VAL A 43 -1.76 13.79 30.36
CA VAL A 43 -1.45 12.56 29.59
C VAL A 43 -1.22 11.39 30.58
N ALA A 44 -0.49 11.63 31.65
CA ALA A 44 -0.25 10.55 32.65
C ALA A 44 -1.56 10.07 33.23
N ALA A 45 -2.49 11.00 33.51
CA ALA A 45 -3.77 10.66 34.14
C ALA A 45 -4.62 9.84 33.17
N TYR A 46 -4.61 10.19 31.89
CA TYR A 46 -5.33 9.36 30.92
C TYR A 46 -4.79 7.93 30.87
N LEU A 47 -3.47 7.78 30.78
CA LEU A 47 -2.84 6.44 30.66
C LEU A 47 -3.07 5.61 31.95
N GLU A 48 -3.03 6.25 33.10
CA GLU A 48 -3.26 5.59 34.37
C GLU A 48 -4.63 4.87 34.39
N ASN A 49 -5.65 5.50 33.84
CA ASN A 49 -7.03 5.04 33.91
C ASN A 49 -7.44 4.12 32.70
N ALA A 50 -6.88 4.37 31.53
CA ALA A 50 -7.33 3.70 30.32
C ALA A 50 -7.00 2.22 30.32
N GLY A 51 -7.80 1.45 29.60
CA GLY A 51 -7.41 0.05 29.37
C GLY A 51 -6.20 -0.10 28.44
N ASP A 52 -5.69 -1.34 28.31
CA ASP A 52 -4.56 -1.63 27.40
C ASP A 52 -5.13 -1.79 25.96
N SER A 53 -5.18 -0.68 25.23
CA SER A 53 -5.94 -0.54 23.99
C SER A 53 -5.07 0.09 22.94
N ALA A 54 -5.58 0.18 21.72
CA ALA A 54 -4.92 0.95 20.67
C ALA A 54 -4.90 2.45 21.00
N MET A 55 -5.96 2.93 21.67
CA MET A 55 -6.10 4.31 22.10
C MET A 55 -4.98 4.65 23.02
N ALA A 56 -4.82 3.90 24.11
CA ALA A 56 -3.72 4.12 25.04
C ALA A 56 -2.34 4.03 24.32
N GLU A 57 -2.16 3.03 23.49
CA GLU A 57 -0.88 2.85 22.82
C GLU A 57 -0.59 4.02 21.90
N ASN A 58 -1.63 4.56 21.26
CA ASN A 58 -1.42 5.68 20.37
C ASN A 58 -1.10 6.95 21.13
N VAL A 59 -1.77 7.15 22.28
CA VAL A 59 -1.41 8.26 23.12
C VAL A 59 0.06 8.09 23.60
N ARG A 60 0.39 6.90 24.13
CA ARG A 60 1.73 6.69 24.62
C ARG A 60 2.80 6.95 23.52
N ASN A 61 2.57 6.48 22.30
CA ASN A 61 3.54 6.77 21.21
C ASN A 61 3.71 8.27 20.94
N GLU A 62 2.59 8.98 20.72
CA GLU A 62 2.64 10.42 20.54
C GLU A 62 3.38 11.12 21.68
N TRP A 63 3.12 10.71 22.92
CA TRP A 63 3.76 11.35 24.05
C TRP A 63 5.27 11.10 23.97
N LEU A 64 5.65 9.89 23.61
CA LEU A 64 7.09 9.55 23.56
C LEU A 64 7.82 10.36 22.48
N LYS A 65 7.14 10.61 21.36
CA LYS A 65 7.69 11.50 20.30
C LYS A 65 7.93 12.91 20.85
N SER A 66 6.98 13.40 21.65
CA SER A 66 7.10 14.69 22.32
C SER A 66 8.20 14.72 23.40
N LEU A 67 8.22 13.72 24.26
CA LEU A 67 9.27 13.51 25.20
C LEU A 67 10.67 13.34 24.57
N GLY A 68 10.75 12.71 23.40
CA GLY A 68 12.04 12.55 22.78
C GLY A 68 12.51 13.90 22.24
N ALA A 69 11.58 14.65 21.62
CA ALA A 69 12.00 15.88 21.00
C ALA A 69 12.45 16.83 22.09
N ARG A 70 11.81 16.76 23.28
CA ARG A 70 12.16 17.63 24.38
C ARG A 70 13.30 17.10 25.21
N ARG A 71 13.88 15.96 24.84
CA ARG A 71 14.98 15.31 25.62
C ARG A 71 14.64 15.04 27.06
N GLN A 72 13.41 14.60 27.29
CA GLN A 72 12.97 14.20 28.62
C GLN A 72 13.20 12.72 28.81
N TRP A 73 14.46 12.33 29.01
CA TRP A 73 14.83 10.92 28.92
C TRP A 73 14.40 10.05 30.11
N THR A 74 14.28 10.61 31.31
CA THR A 74 13.80 9.78 32.43
C THR A 74 12.40 9.30 32.19
N LEU A 75 11.51 10.21 31.79
CA LEU A 75 10.12 9.87 31.50
C LEU A 75 10.02 9.02 30.26
N PHE A 76 10.79 9.40 29.23
CA PHE A 76 10.77 8.64 27.98
C PHE A 76 11.00 7.16 28.31
N ALA A 77 12.06 6.86 29.08
CA ALA A 77 12.44 5.44 29.34
C ALA A 77 11.37 4.64 30.15
N GLN A 78 10.81 5.30 31.15
CA GLN A 78 9.76 4.70 31.94
C GLN A 78 8.54 4.36 31.05
N GLU A 79 8.17 5.21 30.08
CA GLU A 79 6.98 4.98 29.24
C GLU A 79 7.26 4.08 28.05
N TYR A 80 8.46 4.22 27.47
CA TYR A 80 8.87 3.30 26.45
C TYR A 80 8.80 1.87 26.97
N ALA A 81 9.18 1.65 28.23
CA ALA A 81 9.21 0.28 28.80
C ALA A 81 7.79 -0.30 28.93
N LYS A 82 6.78 0.54 28.72
CA LYS A 82 5.38 0.10 28.84
C LYS A 82 4.76 -0.23 27.48
N LEU A 83 5.46 0.07 26.39
CA LEU A 83 4.94 -0.23 25.05
C LEU A 83 5.28 -1.65 24.67
N GLU A 84 4.29 -2.40 24.22
CA GLU A 84 4.54 -3.61 23.43
C GLU A 84 5.57 -3.30 22.33
N PRO A 85 6.67 -4.05 22.27
CA PRO A 85 7.68 -3.83 21.22
C PRO A 85 7.11 -3.73 19.82
N ALA A 86 6.18 -4.62 19.45
CA ALA A 86 5.54 -4.52 18.12
C ALA A 86 4.70 -3.25 17.92
N GLY A 87 4.36 -2.55 19.01
CA GLY A 87 3.52 -1.36 18.93
C GLY A 87 4.28 -0.05 18.81
N ARG A 88 5.62 -0.10 18.80
CA ARG A 88 6.45 1.11 18.80
C ARG A 88 6.39 1.84 17.46
N ALA A 89 6.03 3.12 17.48
CA ALA A 89 6.12 3.87 16.21
C ALA A 89 7.57 3.98 15.76
N GLN A 90 7.77 4.11 14.44
CA GLN A 90 9.09 4.24 13.89
C GLN A 90 9.90 5.39 14.56
N GLU A 91 9.27 6.55 14.74
CA GLU A 91 10.01 7.68 15.29
C GLU A 91 10.38 7.46 16.79
N VAL A 92 9.57 6.70 17.49
CA VAL A 92 9.82 6.36 18.88
C VAL A 92 11.05 5.42 18.94
N GLU A 93 11.15 4.45 18.03
CA GLU A 93 12.41 3.62 17.89
C GLU A 93 13.66 4.48 17.75
N CYS A 94 13.64 5.44 16.82
CA CYS A 94 14.75 6.33 16.61
C CYS A 94 15.10 7.15 17.84
N TYR A 95 14.11 7.80 18.47
CA TYR A 95 14.38 8.49 19.72
C TYR A 95 14.99 7.57 20.80
N ALA A 96 14.49 6.33 20.91
CA ALA A 96 15.00 5.38 21.91
C ALA A 96 16.47 5.07 21.69
N ASP A 97 16.90 4.94 20.41
CA ASP A 97 18.32 4.78 20.10
C ASP A 97 19.13 6.09 20.19
N SER A 98 18.62 7.19 19.63
CA SER A 98 19.36 8.47 19.69
C SER A 98 19.53 8.83 21.20
N SER A 99 18.69 8.33 22.08
CA SER A 99 18.81 8.62 23.51
C SER A 99 20.13 8.05 24.11
N ARG A 100 20.64 6.98 23.50
CA ARG A 100 21.86 6.33 23.88
C ARG A 100 23.01 6.80 23.01
N ASN A 101 22.72 7.70 22.08
CA ASN A 101 23.65 8.04 20.98
C ASN A 101 24.10 6.78 20.22
N ASP A 102 23.12 5.95 19.88
CA ASP A 102 23.33 4.68 19.18
C ASP A 102 22.81 4.86 17.76
N TYR A 103 23.68 4.65 16.76
CA TYR A 103 23.36 4.91 15.37
C TYR A 103 23.31 3.66 14.53
N THR A 104 23.04 2.53 15.16
CA THR A 104 22.84 1.25 14.41
C THR A 104 21.77 1.35 13.31
N ARG A 105 20.66 2.07 13.57
CA ARG A 105 19.61 2.15 12.54
C ARG A 105 20.01 2.99 11.29
N ALA A 106 21.04 3.84 11.40
CA ALA A 106 21.25 4.86 10.33
C ALA A 106 21.59 4.16 9.01
N ALA A 107 22.25 3.02 9.05
CA ALA A 107 22.68 2.41 7.74
C ALA A 107 21.49 2.06 6.83
N GLU A 108 20.43 1.49 7.42
CA GLU A 108 19.14 1.28 6.74
C GLU A 108 18.38 2.58 6.45
N LEU A 109 18.16 3.43 7.45
CA LEU A 109 17.38 4.65 7.25
C LEU A 109 17.96 5.54 6.15
N VAL A 110 19.29 5.65 6.10
CA VAL A 110 19.93 6.52 5.10
C VAL A 110 19.56 6.12 3.66
N LYS A 111 19.04 4.90 3.45
CA LYS A 111 18.68 4.46 2.09
C LYS A 111 17.42 5.19 1.61
N ASN A 112 16.60 5.64 2.58
CA ASN A 112 15.36 6.37 2.34
C ASN A 112 15.67 7.76 1.76
N THR A 113 15.10 8.08 0.60
CA THR A 113 15.45 9.33 -0.05
C THR A 113 14.34 10.40 0.10
N GLY A 114 13.34 10.14 0.92
CA GLY A 114 12.21 11.05 1.15
C GLY A 114 12.07 11.46 2.61
N LYS A 115 10.99 12.15 2.92
CA LYS A 115 10.74 12.73 4.24
C LYS A 115 10.69 11.63 5.33
N LEU A 116 11.55 11.77 6.34
CA LEU A 116 11.32 10.94 7.55
C LEU A 116 10.76 11.77 8.69
N PRO A 117 10.16 11.12 9.72
CA PRO A 117 9.79 11.88 10.92
C PRO A 117 11.02 12.53 11.51
N SER A 118 10.79 13.57 12.32
CA SER A 118 11.84 14.44 12.80
C SER A 118 12.86 13.66 13.64
N GLY A 119 12.40 12.79 14.56
CA GLY A 119 13.34 11.97 15.36
C GLY A 119 14.35 11.14 14.54
N CYS A 120 13.87 10.48 13.46
CA CYS A 120 14.72 9.70 12.55
C CYS A 120 15.56 10.62 11.70
N THR A 121 15.02 11.76 11.32
CA THR A 121 15.79 12.71 10.57
C THR A 121 16.98 13.22 11.40
N LYS A 122 16.77 13.56 12.68
CA LYS A 122 17.85 14.01 13.49
C LYS A 122 18.88 12.90 13.76
N LEU A 123 18.41 11.67 13.87
CA LEU A 123 19.32 10.54 14.14
C LEU A 123 20.33 10.48 12.97
N LEU A 124 19.82 10.67 11.77
CA LEU A 124 20.68 10.63 10.56
C LEU A 124 21.69 11.76 10.53
N GLU A 125 21.25 12.95 10.89
CA GLU A 125 22.12 14.11 10.99
C GLU A 125 23.22 13.88 12.01
N GLN A 126 22.89 13.33 13.18
CA GLN A 126 23.88 13.10 14.18
C GLN A 126 24.88 12.01 13.70
N ALA A 127 24.39 10.98 13.00
CA ALA A 127 25.22 9.93 12.44
C ALA A 127 26.11 10.53 11.42
N ALA A 128 25.62 11.49 10.66
CA ALA A 128 26.45 12.18 9.64
C ALA A 128 27.55 13.00 10.29
N ALA A 129 27.22 13.74 11.33
CA ALA A 129 28.21 14.53 12.03
C ALA A 129 29.23 13.62 12.72
N SER A 130 28.89 12.35 12.95
CA SER A 130 29.77 11.45 13.66
C SER A 130 30.62 10.58 12.73
N GLY A 131 30.54 10.83 11.43
CA GLY A 131 31.26 10.05 10.44
C GLY A 131 30.78 8.64 10.24
N LEU A 132 29.60 8.32 10.76
CA LEU A 132 29.09 6.96 10.74
C LEU A 132 28.22 6.63 9.52
N LEU A 133 28.03 7.56 8.58
CA LEU A 133 27.18 7.28 7.43
C LEU A 133 28.07 6.96 6.26
N ASP A 134 27.71 5.93 5.50
CA ASP A 134 28.33 5.71 4.20
C ASP A 134 28.18 7.00 3.36
N GLY A 135 29.28 7.57 2.84
CA GLY A 135 29.21 8.78 2.02
C GLY A 135 28.32 8.71 0.77
N ASN A 136 28.49 7.66 -0.03
CA ASN A 136 27.63 7.43 -1.20
C ASN A 136 26.14 7.59 -0.91
N ASP A 137 25.65 6.83 0.07
CA ASP A 137 24.26 6.81 0.43
C ASP A 137 23.84 8.16 1.02
N ALA A 138 24.68 8.77 1.88
CA ALA A 138 24.31 10.04 2.52
C ALA A 138 24.08 11.15 1.51
N TRP A 139 24.97 11.26 0.52
CA TRP A 139 24.76 12.28 -0.51
C TRP A 139 23.58 11.91 -1.42
N ARG A 140 23.33 10.60 -1.61
CA ARG A 140 22.20 10.21 -2.41
C ARG A 140 20.92 10.67 -1.71
N ARG A 141 20.90 10.49 -0.39
CA ARG A 141 19.78 11.01 0.36
C ARG A 141 19.62 12.54 0.23
N VAL A 142 20.72 13.27 0.24
CA VAL A 142 20.67 14.72 0.04
C VAL A 142 19.97 15.12 -1.28
N ARG A 143 20.38 14.51 -2.38
CA ARG A 143 19.79 14.71 -3.71
C ARG A 143 18.32 14.35 -3.78
N GLY A 144 17.96 13.20 -3.20
CA GLY A 144 16.57 12.79 -3.15
C GLY A 144 15.73 13.80 -2.40
N LEU A 145 16.21 14.27 -1.25
CA LEU A 145 15.50 15.33 -0.48
C LEU A 145 15.34 16.62 -1.31
N LEU A 146 16.39 17.01 -2.03
CA LEU A 146 16.25 18.18 -2.91
C LEU A 146 15.19 17.92 -4.03
N ALA A 147 15.15 16.72 -4.62
CA ALA A 147 14.23 16.43 -5.70
C ALA A 147 12.80 16.31 -5.23
N GLY A 148 12.59 16.01 -3.96
CA GLY A 148 11.25 16.02 -3.46
C GLY A 148 10.96 17.19 -2.57
N ARG A 149 11.70 18.29 -2.76
CA ARG A 149 11.44 19.58 -2.10
C ARG A 149 11.51 19.58 -0.56
N GLN A 150 12.38 18.74 0.03
CA GLN A 150 12.57 18.76 1.47
C GLN A 150 13.86 19.50 1.64
N THR A 151 13.89 20.78 1.25
CA THR A 151 15.14 21.47 1.13
C THR A 151 15.79 21.71 2.47
N THR A 152 15.02 21.94 3.52
CA THR A 152 15.54 22.08 4.85
C THR A 152 16.26 20.84 5.34
N ASP A 153 15.61 19.69 5.20
CA ASP A 153 16.24 18.46 5.65
C ASP A 153 17.50 18.18 4.80
N ALA A 154 17.45 18.47 3.51
CA ALA A 154 18.69 18.28 2.69
C ALA A 154 19.79 19.21 3.18
N ARG A 155 19.43 20.47 3.45
CA ARG A 155 20.40 21.47 3.92
C ARG A 155 21.08 21.04 5.20
N ASN A 156 20.28 20.60 6.17
CA ASN A 156 20.88 20.15 7.42
C ASN A 156 21.72 18.92 7.26
N LEU A 157 21.28 17.98 6.42
CA LEU A 157 22.06 16.77 6.21
C LEU A 157 23.44 17.09 5.54
N ALA A 158 23.43 17.91 4.47
CA ALA A 158 24.65 18.37 3.89
C ALA A 158 25.57 19.12 4.88
N ALA A 159 25.03 19.99 5.73
CA ALA A 159 25.84 20.67 6.76
C ALA A 159 26.50 19.60 7.64
N ALA A 160 25.72 18.59 8.06
CA ALA A 160 26.26 17.60 8.98
C ALA A 160 27.35 16.77 8.33
N LEU A 161 27.26 16.55 7.03
CA LEU A 161 28.30 15.82 6.34
C LEU A 161 29.53 16.68 6.09
N GLY A 162 29.54 17.93 6.48
CA GLY A 162 30.78 18.73 6.33
C GLY A 162 30.98 19.47 5.01
N SER A 163 29.92 19.55 4.20
CA SER A 163 29.92 20.37 2.98
C SER A 163 28.57 21.09 2.83
N PRO A 164 28.40 22.23 3.50
CA PRO A 164 27.13 22.89 3.50
C PRO A 164 26.75 23.49 2.14
N PHE A 165 25.43 23.73 1.95
CA PHE A 165 24.94 24.38 0.71
C PHE A 165 25.59 25.78 0.50
N ASP A 166 25.75 26.52 1.58
CA ASP A 166 26.41 27.82 1.57
C ASP A 166 27.84 27.72 2.07
N GLY A 167 28.75 27.28 1.20
CA GLY A 167 30.16 27.22 1.58
C GLY A 167 30.93 26.01 1.06
N GLY A 168 30.29 24.85 1.15
CA GLY A 168 30.91 23.62 0.72
C GLY A 168 30.95 23.49 -0.79
N THR A 169 32.02 22.93 -1.28
CA THR A 169 32.11 22.69 -2.73
C THR A 169 31.05 21.68 -3.22
N GLN A 170 30.99 20.51 -2.58
CA GLN A 170 29.99 19.50 -2.96
C GLN A 170 28.55 19.98 -2.57
N GLY A 171 28.39 20.46 -1.33
CA GLY A 171 27.15 21.12 -0.92
C GLY A 171 26.56 22.07 -1.95
N SER A 172 27.27 23.16 -2.26
CA SER A 172 26.76 24.12 -3.23
C SER A 172 26.55 23.55 -4.65
N ARG A 173 27.38 22.63 -5.09
CA ARG A 173 27.15 21.98 -6.37
C ARG A 173 25.82 21.14 -6.39
N GLU A 174 25.59 20.32 -5.36
CA GLU A 174 24.31 19.66 -5.22
C GLU A 174 23.16 20.66 -5.26
N TYR A 175 23.28 21.76 -4.51
CA TYR A 175 22.16 22.70 -4.39
C TYR A 175 21.88 23.40 -5.74
N ALA A 176 22.96 23.79 -6.43
CA ALA A 176 22.87 24.46 -7.76
C ALA A 176 22.19 23.56 -8.80
N LEU A 177 22.14 22.26 -8.52
CA LEU A 177 21.65 21.35 -9.52
C LEU A 177 20.12 21.41 -9.60
N LEU A 178 19.51 22.18 -8.69
CA LEU A 178 18.06 22.40 -8.71
C LEU A 178 17.61 23.02 -10.04
N ASN A 179 18.51 23.68 -10.77
CA ASN A 179 18.09 24.31 -12.02
C ASN A 179 17.75 23.22 -13.04
N VAL A 180 17.94 21.96 -12.66
CA VAL A 180 17.59 20.79 -13.49
C VAL A 180 16.65 19.83 -12.74
N ILE A 181 16.96 19.54 -11.49
CA ILE A 181 16.17 18.56 -10.73
C ILE A 181 14.99 19.19 -9.95
N GLY A 182 14.81 20.51 -10.04
CA GLY A 182 13.67 21.13 -9.35
C GLY A 182 12.34 20.57 -9.81
N LYS A 183 11.31 20.66 -8.97
CA LYS A 183 9.96 20.23 -9.28
C LYS A 183 9.43 20.76 -10.63
N GLU A 184 9.77 21.99 -11.00
CA GLU A 184 9.24 22.55 -12.25
C GLU A 184 10.33 22.60 -13.31
N ALA A 185 11.59 22.68 -12.86
CA ALA A 185 12.73 22.76 -13.78
C ALA A 185 12.89 21.47 -14.56
N ARG A 186 12.51 20.35 -13.94
CA ARG A 186 12.65 19.04 -14.60
C ARG A 186 11.65 18.94 -15.78
N LYS A 187 10.54 19.66 -15.71
CA LYS A 187 9.53 19.65 -16.79
C LYS A 187 9.97 20.42 -18.06
N SER A 188 10.90 21.37 -17.91
CA SER A 188 11.34 22.27 -19.00
C SER A 188 11.74 21.54 -20.25
N PRO A 189 11.38 22.07 -21.43
CA PRO A 189 11.85 21.41 -22.66
C PRO A 189 13.37 21.50 -22.88
N ASN A 190 14.03 22.36 -22.11
CA ASN A 190 15.49 22.53 -22.19
C ASN A 190 16.29 21.90 -21.05
N ALA A 191 15.61 21.20 -20.13
CA ALA A 191 16.31 20.61 -18.98
C ALA A 191 17.47 19.73 -19.43
N ALA A 192 17.26 18.89 -20.44
CA ALA A 192 18.35 18.04 -20.94
C ALA A 192 19.56 18.75 -21.56
N ALA A 193 19.31 19.83 -22.26
CA ALA A 193 20.35 20.66 -22.85
C ALA A 193 21.12 21.38 -21.75
N LEU A 194 20.42 22.00 -20.80
CA LEU A 194 21.06 22.52 -19.60
C LEU A 194 21.97 21.49 -18.93
N LEU A 195 21.41 20.30 -18.66
CA LEU A 195 22.17 19.26 -17.96
C LEU A 195 23.39 18.86 -18.78
N SER A 196 23.21 18.70 -20.10
CA SER A 196 24.30 18.29 -21.02
C SER A 196 25.44 19.30 -21.09
N GLU A 197 25.11 20.58 -20.88
CA GLU A 197 26.12 21.61 -20.74
C GLU A 197 26.98 21.44 -19.46
N MET A 198 26.33 21.20 -18.33
CA MET A 198 27.01 21.14 -17.03
C MET A 198 27.67 19.81 -16.69
N GLU A 199 27.49 18.82 -17.55
CA GLU A 199 28.00 17.47 -17.25
C GLU A 199 29.48 17.47 -16.88
N SER A 200 30.27 18.25 -17.58
CA SER A 200 31.72 18.24 -17.31
C SER A 200 32.03 18.52 -15.83
N GLY A 201 31.33 19.47 -15.21
CA GLY A 201 31.59 19.87 -13.80
C GLY A 201 30.83 19.13 -12.69
N LEU A 202 30.23 17.99 -13.00
CA LEU A 202 29.47 17.22 -11.99
C LEU A 202 30.14 15.89 -11.79
N SER A 203 29.98 15.30 -10.61
CA SER A 203 30.48 13.96 -10.41
C SER A 203 29.67 12.95 -11.19
N LEU A 204 30.15 11.70 -11.26
CA LEU A 204 29.42 10.61 -11.87
C LEU A 204 28.09 10.39 -11.12
N GLU A 205 28.12 10.60 -9.80
CA GLU A 205 26.93 10.38 -9.01
C GLU A 205 25.89 11.44 -9.28
N GLN A 206 26.32 12.69 -9.36
CA GLN A 206 25.44 13.80 -9.59
C GLN A 206 24.81 13.73 -10.96
N ARG A 207 25.58 13.29 -11.97
CA ARG A 207 25.08 13.14 -13.33
C ARG A 207 24.07 12.00 -13.44
N SER A 208 24.40 10.83 -12.89
CA SER A 208 23.47 9.69 -12.83
C SER A 208 22.16 10.12 -12.21
N PHE A 209 22.21 10.77 -11.03
CA PHE A 209 20.99 11.19 -10.39
C PHE A 209 20.14 12.12 -11.24
N ALA A 210 20.79 13.13 -11.82
CA ALA A 210 20.11 14.19 -12.56
C ALA A 210 19.43 13.67 -13.83
N TRP A 211 20.11 12.82 -14.62
CA TRP A 211 19.42 12.10 -15.72
C TRP A 211 18.30 11.20 -15.21
N GLY A 212 18.48 10.57 -14.03
CA GLY A 212 17.39 9.87 -13.42
C GLY A 212 16.12 10.73 -13.22
N VAL A 213 16.26 11.94 -12.64
CA VAL A 213 15.14 12.86 -12.45
C VAL A 213 14.42 13.17 -13.79
N LEU A 214 15.17 13.42 -14.84
CA LEU A 214 14.55 13.75 -16.14
C LEU A 214 13.91 12.54 -16.76
N GLY A 215 14.56 11.40 -16.69
CA GLY A 215 13.94 10.15 -17.20
C GLY A 215 12.63 9.84 -16.49
N HIS A 216 12.65 9.96 -15.17
CA HIS A 216 11.47 9.63 -14.34
C HIS A 216 10.27 10.55 -14.67
N TYR A 217 10.54 11.84 -14.76
CA TYR A 217 9.50 12.75 -15.27
C TYR A 217 8.88 12.31 -16.61
N GLN A 218 9.72 11.99 -17.60
CA GLN A 218 9.22 11.58 -18.92
C GLN A 218 8.46 10.29 -18.85
N SER A 219 9.04 9.30 -18.19
CA SER A 219 8.44 7.95 -17.99
C SER A 219 7.06 7.94 -17.32
N GLN A 220 6.96 8.58 -16.17
CA GLN A 220 5.66 8.66 -15.50
C GLN A 220 4.67 9.52 -16.31
N ASN A 221 5.20 10.29 -17.25
CA ASN A 221 4.36 10.97 -18.22
C ASN A 221 4.04 10.15 -19.51
N LEU A 222 4.49 8.90 -19.54
CA LEU A 222 4.27 8.00 -20.67
C LEU A 222 4.89 8.52 -22.02
N ASN A 223 5.95 9.32 -21.93
CA ASN A 223 6.77 9.60 -23.09
C ASN A 223 7.98 8.66 -23.02
N VAL A 224 7.80 7.46 -23.57
CA VAL A 224 8.75 6.37 -23.40
C VAL A 224 10.07 6.60 -24.17
N PRO A 225 10.02 7.03 -25.45
CA PRO A 225 11.32 7.22 -26.14
C PRO A 225 12.20 8.26 -25.44
N ALA A 226 11.63 9.38 -25.04
CA ALA A 226 12.40 10.37 -24.26
C ALA A 226 12.87 9.86 -22.88
N ALA A 227 12.00 9.18 -22.13
CA ALA A 227 12.39 8.53 -20.87
C ALA A 227 13.63 7.65 -21.05
N LEU A 228 13.57 6.73 -22.04
CA LEU A 228 14.65 5.78 -22.31
C LEU A 228 15.95 6.44 -22.77
N ASP A 229 15.81 7.54 -23.50
CA ASP A 229 16.98 8.35 -23.85
C ASP A 229 17.73 8.93 -22.61
N TYR A 230 17.01 9.47 -21.64
CA TYR A 230 17.61 10.12 -20.47
C TYR A 230 18.10 9.03 -19.50
N TYR A 231 17.29 7.99 -19.31
CA TYR A 231 17.65 6.96 -18.37
C TYR A 231 18.88 6.25 -18.91
N GLY A 232 18.97 6.18 -20.25
CA GLY A 232 20.15 5.60 -20.92
C GLY A 232 21.46 6.34 -20.63
N LYS A 233 21.39 7.62 -20.28
CA LYS A 233 22.57 8.41 -19.89
C LYS A 233 22.98 8.28 -18.39
N VAL A 234 22.22 7.54 -17.60
CA VAL A 234 22.58 7.28 -16.23
C VAL A 234 23.71 6.26 -16.25
N ALA A 235 24.87 6.68 -15.73
CA ALA A 235 26.06 5.83 -15.66
C ALA A 235 26.02 4.80 -14.47
N ASP A 236 25.61 5.24 -13.26
CA ASP A 236 25.42 4.33 -12.12
C ASP A 236 23.96 4.33 -11.66
N ARG A 237 23.26 3.28 -12.10
CA ARG A 237 21.84 3.16 -11.84
C ARG A 237 21.53 2.99 -10.37
N ARG A 238 22.50 2.53 -9.61
CA ARG A 238 22.32 2.47 -8.15
C ARG A 238 22.18 3.83 -7.47
N GLN A 239 22.56 4.90 -8.19
CA GLN A 239 22.36 6.28 -7.69
C GLN A 239 20.92 6.73 -7.68
N LEU A 240 20.03 6.02 -8.41
CA LEU A 240 18.65 6.46 -8.52
C LEU A 240 17.86 6.18 -7.25
N THR A 241 16.83 6.96 -7.03
CA THR A 241 15.86 6.65 -6.00
C THR A 241 15.09 5.37 -6.41
N ASP A 242 14.39 4.77 -5.45
CA ASP A 242 13.59 3.63 -5.77
C ASP A 242 12.51 4.00 -6.83
N ASP A 243 11.90 5.18 -6.71
CA ASP A 243 10.84 5.47 -7.64
C ASP A 243 11.40 5.69 -9.03
N GLN A 244 12.54 6.38 -9.12
CA GLN A 244 13.22 6.59 -10.42
C GLN A 244 13.61 5.27 -11.11
N ILE A 245 14.15 4.33 -10.36
CA ILE A 245 14.59 3.10 -10.97
C ILE A 245 13.41 2.19 -11.42
N GLU A 246 12.34 2.17 -10.64
CA GLU A 246 11.13 1.46 -11.04
C GLU A 246 10.57 2.10 -12.34
N TRP A 247 10.63 3.41 -12.49
CA TRP A 247 10.05 4.01 -13.71
C TRP A 247 10.95 3.87 -14.89
N TYR A 248 12.20 3.52 -14.63
CA TYR A 248 13.13 3.12 -15.70
C TYR A 248 12.73 1.74 -16.18
N ALA A 249 12.42 0.86 -15.23
CA ALA A 249 12.05 -0.47 -15.55
C ALA A 249 10.69 -0.44 -16.26
N ARG A 250 9.80 0.48 -15.86
CA ARG A 250 8.48 0.54 -16.49
C ARG A 250 8.63 1.03 -17.92
N ALA A 251 9.48 2.05 -18.13
CA ALA A 251 9.73 2.47 -19.49
C ALA A 251 10.21 1.28 -20.39
N ALA A 252 11.20 0.51 -19.94
CA ALA A 252 11.79 -0.56 -20.75
C ALA A 252 10.77 -1.67 -20.97
N LEU A 253 9.94 -1.93 -19.97
CA LEU A 253 8.83 -2.87 -20.07
C LEU A 253 7.83 -2.44 -21.13
N ARG A 254 7.37 -1.21 -21.03
CA ARG A 254 6.49 -0.66 -22.05
C ARG A 254 7.13 -0.68 -23.48
N ALA A 255 8.45 -0.52 -23.59
CA ALA A 255 9.10 -0.61 -24.95
C ALA A 255 9.45 -2.03 -25.38
N ARG A 256 9.14 -3.04 -24.57
CA ARG A 256 9.57 -4.44 -24.77
C ARG A 256 11.10 -4.59 -24.94
N ARG A 257 11.89 -3.84 -24.18
CA ARG A 257 13.32 -4.00 -24.23
C ARG A 257 13.74 -4.93 -23.10
N TRP A 258 13.65 -6.25 -23.30
CA TRP A 258 13.83 -7.21 -22.24
C TRP A 258 15.28 -7.21 -21.70
N ASP A 259 16.29 -7.07 -22.59
CA ASP A 259 17.66 -6.98 -22.12
C ASP A 259 17.91 -5.80 -21.14
N GLU A 260 17.42 -4.63 -21.50
CA GLU A 260 17.52 -3.41 -20.66
C GLU A 260 16.75 -3.57 -19.35
N LEU A 261 15.55 -4.15 -19.43
CA LEU A 261 14.70 -4.40 -18.25
C LEU A 261 15.45 -5.23 -17.20
N ALA A 262 15.99 -6.37 -17.62
CA ALA A 262 16.78 -7.22 -16.74
C ALA A 262 17.93 -6.46 -16.09
N SER A 263 18.62 -5.71 -16.90
CA SER A 263 19.76 -4.91 -16.48
C SER A 263 19.37 -3.90 -15.43
N VAL A 264 18.30 -3.13 -15.69
CA VAL A 264 17.74 -2.22 -14.67
C VAL A 264 17.40 -2.93 -13.35
N ILE A 265 16.67 -4.03 -13.42
CA ILE A 265 16.21 -4.76 -12.21
C ILE A 265 17.42 -5.26 -11.41
N SER A 266 18.48 -5.72 -12.08
CA SER A 266 19.74 -6.10 -11.44
C SER A 266 20.41 -5.00 -10.60
N HIS A 267 20.15 -3.74 -10.92
CA HIS A 267 20.62 -2.59 -10.13
C HIS A 267 19.71 -2.12 -9.04
N MET A 268 18.59 -2.83 -8.83
CA MET A 268 17.65 -2.39 -7.79
C MET A 268 18.15 -2.82 -6.42
N PRO A 269 17.70 -2.16 -5.36
CA PRO A 269 18.00 -2.75 -4.01
C PRO A 269 17.37 -4.11 -3.86
N GLU A 270 18.03 -4.98 -3.08
CA GLU A 270 17.54 -6.32 -2.82
C GLU A 270 16.08 -6.40 -2.46
N LYS A 271 15.60 -5.53 -1.58
CA LYS A 271 14.16 -5.57 -1.17
C LYS A 271 13.23 -5.42 -2.37
N LEU A 272 13.66 -4.59 -3.33
CA LEU A 272 12.90 -4.28 -4.51
C LEU A 272 13.03 -5.39 -5.53
N GLN A 273 14.22 -5.97 -5.71
CA GLN A 273 14.35 -7.10 -6.61
C GLN A 273 13.49 -8.28 -6.17
N LYS A 274 13.36 -8.49 -4.85
CA LYS A 274 12.54 -9.60 -4.31
C LYS A 274 11.01 -9.33 -4.17
N SER A 275 10.54 -8.18 -4.63
CA SER A 275 9.10 -7.97 -4.55
C SER A 275 8.41 -8.79 -5.66
N PRO A 276 7.13 -9.13 -5.46
CA PRO A 276 6.46 -9.97 -6.51
C PRO A 276 6.59 -9.30 -7.92
N THR A 277 6.48 -7.99 -8.00
CA THR A 277 6.55 -7.28 -9.31
C THR A 277 7.88 -7.60 -10.06
N TRP A 278 9.01 -7.36 -9.43
CA TRP A 278 10.28 -7.45 -10.17
C TRP A 278 10.86 -8.86 -10.25
N LEU A 279 10.46 -9.75 -9.34
CA LEU A 279 10.67 -11.19 -9.61
C LEU A 279 9.96 -11.65 -10.88
N TYR A 280 8.69 -11.27 -11.01
CA TYR A 280 7.96 -11.70 -12.19
C TYR A 280 8.56 -11.12 -13.50
N TRP A 281 8.79 -9.83 -13.54
CA TRP A 281 9.24 -9.25 -14.80
C TRP A 281 10.67 -9.63 -15.15
N LEU A 282 11.52 -9.82 -14.16
CA LEU A 282 12.84 -10.38 -14.42
C LEU A 282 12.70 -11.79 -14.99
N ALA A 283 11.86 -12.62 -14.38
CA ALA A 283 11.55 -13.94 -14.97
C ALA A 283 11.07 -13.87 -16.43
N ARG A 284 10.16 -12.95 -16.73
CA ARG A 284 9.69 -12.83 -18.10
C ARG A 284 10.85 -12.39 -19.00
N SER A 285 11.70 -11.51 -18.49
CA SER A 285 12.80 -11.01 -19.30
C SER A 285 13.82 -12.16 -19.56
N ARG A 286 14.15 -12.94 -18.53
CA ARG A 286 15.04 -14.08 -18.69
C ARG A 286 14.49 -15.07 -19.73
N ALA A 287 13.19 -15.34 -19.68
CA ALA A 287 12.55 -16.26 -20.65
C ALA A 287 12.62 -15.66 -22.03
N ALA A 288 12.47 -14.33 -22.13
CA ALA A 288 12.47 -13.69 -23.46
C ALA A 288 13.86 -13.66 -24.10
N THR A 289 14.91 -13.80 -23.31
CA THR A 289 16.26 -13.78 -23.85
C THR A 289 16.83 -15.16 -24.08
N GLY A 290 16.10 -16.17 -23.63
CA GLY A 290 16.41 -17.56 -23.88
C GLY A 290 16.90 -18.33 -22.67
N ASN A 291 16.93 -17.72 -21.46
CA ASN A 291 17.27 -18.50 -20.27
C ASN A 291 16.09 -19.03 -19.45
N ASN A 292 15.49 -20.13 -19.89
CA ASN A 292 14.31 -20.75 -19.23
C ASN A 292 14.58 -21.31 -17.88
N GLN A 293 15.76 -21.86 -17.68
CA GLN A 293 16.06 -22.38 -16.36
C GLN A 293 16.12 -21.25 -15.31
N GLU A 294 16.73 -20.14 -15.67
CA GLU A 294 16.78 -19.02 -14.72
C GLU A 294 15.35 -18.40 -14.57
N ALA A 295 14.61 -18.28 -15.67
CA ALA A 295 13.23 -17.78 -15.63
C ALA A 295 12.40 -18.68 -14.74
N GLU A 296 12.58 -20.00 -14.85
CA GLU A 296 11.79 -20.90 -14.01
C GLU A 296 11.97 -20.70 -12.50
N LYS A 297 13.23 -20.58 -12.07
CA LYS A 297 13.50 -20.42 -10.63
C LYS A 297 12.90 -19.11 -10.10
N LEU A 298 12.96 -18.07 -10.95
CA LEU A 298 12.38 -16.76 -10.64
C LEU A 298 10.83 -16.81 -10.57
N TYR A 299 10.19 -17.55 -11.49
CA TYR A 299 8.75 -17.79 -11.37
C TYR A 299 8.36 -18.43 -10.05
N LYS A 300 9.16 -19.39 -9.58
CA LYS A 300 8.87 -20.10 -8.33
C LYS A 300 8.93 -19.21 -7.12
N GLN A 301 9.87 -18.27 -7.13
CA GLN A 301 9.95 -17.37 -5.98
C GLN A 301 8.80 -16.35 -6.02
N ALA A 302 8.53 -15.77 -7.18
CA ALA A 302 7.39 -14.91 -7.34
C ALA A 302 6.10 -15.59 -6.88
N ALA A 303 5.89 -16.86 -7.30
CA ALA A 303 4.67 -17.64 -6.90
C ALA A 303 4.58 -17.92 -5.42
N ALA A 304 5.73 -18.04 -4.76
CA ALA A 304 5.75 -18.30 -3.31
C ALA A 304 5.41 -17.06 -2.43
N THR A 305 5.35 -15.85 -3.02
CA THR A 305 4.94 -14.64 -2.27
C THR A 305 3.47 -14.65 -1.81
N GLY A 306 2.65 -15.60 -2.22
CA GLY A 306 1.35 -15.73 -1.61
C GLY A 306 0.24 -15.39 -2.58
N ARG A 307 -0.81 -14.74 -2.06
CA ARG A 307 -2.03 -14.51 -2.84
C ARG A 307 -2.11 -13.14 -3.48
N ASN A 308 -1.55 -12.94 -4.66
CA ASN A 308 -1.44 -11.59 -5.22
C ASN A 308 -1.17 -11.68 -6.69
N PHE A 309 -1.34 -10.56 -7.37
CA PHE A 309 -1.44 -10.50 -8.83
C PHE A 309 -0.24 -11.20 -9.50
N TYR A 310 0.97 -10.81 -9.10
CA TYR A 310 2.15 -11.37 -9.78
C TYR A 310 2.41 -12.81 -9.34
N ALA A 311 2.06 -13.14 -8.10
CA ALA A 311 2.23 -14.51 -7.66
C ALA A 311 1.34 -15.42 -8.44
N VAL A 312 0.15 -14.93 -8.82
CA VAL A 312 -0.78 -15.76 -9.59
C VAL A 312 -0.30 -15.91 -11.04
N LEU A 313 0.13 -14.81 -11.67
CA LEU A 313 0.71 -14.85 -13.01
C LEU A 313 1.97 -15.77 -13.09
N ALA A 314 2.87 -15.67 -12.10
CA ALA A 314 4.03 -16.58 -11.98
C ALA A 314 3.60 -18.04 -11.89
N GLY A 315 2.73 -18.35 -10.94
CA GLY A 315 2.22 -19.71 -10.82
C GLY A 315 1.66 -20.24 -12.14
N GLU A 316 1.06 -19.37 -12.96
CA GLU A 316 0.55 -19.79 -14.28
C GLU A 316 1.61 -20.09 -15.33
N GLU A 317 2.69 -19.33 -15.36
CA GLU A 317 3.83 -19.69 -16.21
C GLU A 317 4.47 -21.03 -15.83
N LEU A 318 4.20 -21.52 -14.62
CA LEU A 318 4.70 -22.79 -14.19
C LEU A 318 3.60 -23.87 -14.33
N GLY A 319 2.52 -23.53 -15.05
CA GLY A 319 1.35 -24.40 -15.22
C GLY A 319 0.58 -24.83 -13.97
N ARG A 320 0.66 -24.04 -12.90
CA ARG A 320 -0.24 -24.18 -11.75
C ARG A 320 -1.55 -23.41 -11.97
N LYS A 321 -2.63 -23.86 -11.36
CA LYS A 321 -3.83 -23.06 -11.42
C LYS A 321 -4.27 -22.71 -10.01
N ILE A 322 -5.00 -21.63 -9.85
CA ILE A 322 -5.52 -21.23 -8.53
C ILE A 322 -6.32 -22.35 -7.90
N ASP A 323 -6.06 -22.63 -6.64
CA ASP A 323 -6.87 -23.63 -5.95
C ASP A 323 -7.42 -22.97 -4.70
N THR A 324 -8.73 -22.88 -4.57
CA THR A 324 -9.31 -22.15 -3.45
C THR A 324 -9.91 -23.07 -2.42
N ARG A 325 -9.56 -24.37 -2.44
CA ARG A 325 -9.95 -25.27 -1.33
C ARG A 325 -9.27 -24.80 -0.06
N ASN A 326 -10.03 -24.65 1.01
CA ASN A 326 -9.51 -24.40 2.34
C ASN A 326 -8.71 -25.64 2.78
N ASN A 327 -7.58 -25.44 3.46
CA ASN A 327 -6.76 -26.57 3.94
C ASN A 327 -6.83 -26.76 5.47
N VAL A 328 -7.81 -26.09 6.10
CA VAL A 328 -8.13 -26.21 7.51
C VAL A 328 -9.64 -26.08 7.62
N PRO A 329 -10.23 -26.78 8.59
CA PRO A 329 -11.64 -26.60 8.90
C PRO A 329 -11.99 -25.20 9.40
N ASP A 330 -13.26 -24.86 9.38
CA ASP A 330 -13.81 -23.68 10.10
C ASP A 330 -13.53 -23.81 11.61
N ALA A 331 -13.43 -22.67 12.29
CA ALA A 331 -13.25 -22.69 13.75
C ALA A 331 -14.57 -23.12 14.41
N GLY A 332 -14.48 -23.85 15.51
CA GLY A 332 -15.68 -24.29 16.19
C GLY A 332 -16.41 -23.10 16.76
N LYS A 333 -17.73 -23.22 16.82
CA LYS A 333 -18.59 -22.14 17.32
C LYS A 333 -18.25 -21.70 18.77
N ASN A 334 -17.75 -22.61 19.57
CA ASN A 334 -17.41 -22.25 20.96
C ASN A 334 -16.22 -21.28 21.01
N SER A 335 -15.16 -21.63 20.28
N SER A 335 -15.17 -21.61 20.26
CA SER A 335 -13.96 -20.82 20.14
CA SER A 335 -13.96 -20.79 20.21
C SER A 335 -14.28 -19.48 19.53
C SER A 335 -14.24 -19.49 19.49
N VAL A 336 -15.27 -19.45 18.66
CA VAL A 336 -15.59 -18.19 17.95
C VAL A 336 -16.20 -17.28 18.99
N ARG A 337 -17.05 -17.86 19.83
CA ARG A 337 -17.70 -17.13 20.93
C ARG A 337 -16.72 -16.64 22.01
N ARG A 338 -15.79 -17.51 22.42
CA ARG A 338 -14.82 -17.16 23.41
C ARG A 338 -13.84 -16.08 22.92
N MET A 339 -13.48 -16.13 21.65
CA MET A 339 -12.64 -15.07 21.05
C MET A 339 -13.18 -13.64 21.35
N ALA A 340 -14.49 -13.46 21.21
CA ALA A 340 -15.24 -12.18 21.48
C ALA A 340 -15.25 -11.75 22.95
N GLU A 341 -14.98 -12.69 23.86
CA GLU A 341 -14.85 -12.42 25.30
C GLU A 341 -13.46 -11.84 25.66
N ASP A 342 -12.45 -12.03 24.81
CA ASP A 342 -11.11 -11.45 25.06
C ASP A 342 -11.24 -9.93 25.19
N GLY A 343 -10.63 -9.33 26.21
CA GLY A 343 -10.78 -7.87 26.46
C GLY A 343 -10.54 -6.92 25.27
N ALA A 344 -9.54 -7.22 24.44
CA ALA A 344 -9.16 -6.30 23.36
C ALA A 344 -10.04 -6.48 22.15
N VAL A 345 -10.43 -7.76 21.87
CA VAL A 345 -11.38 -8.08 20.83
C VAL A 345 -12.71 -7.48 21.19
N LYS A 346 -13.12 -7.64 22.44
CA LYS A 346 -14.40 -7.13 22.81
C LYS A 346 -14.46 -5.62 22.68
N ARG A 347 -13.38 -4.94 23.06
CA ARG A 347 -13.27 -3.49 22.88
C ARG A 347 -13.48 -3.04 21.47
N ALA A 348 -12.83 -3.73 20.51
CA ALA A 348 -13.03 -3.43 19.11
C ALA A 348 -14.51 -3.61 18.74
N LEU A 349 -15.10 -4.73 19.18
CA LEU A 349 -16.49 -5.00 18.87
C LEU A 349 -17.46 -3.99 19.48
N VAL A 350 -17.17 -3.53 20.70
CA VAL A 350 -18.00 -2.52 21.30
C VAL A 350 -17.97 -1.22 20.50
N LEU A 351 -16.77 -0.78 20.09
CA LEU A 351 -16.68 0.45 19.28
C LEU A 351 -17.39 0.24 17.98
N PHE A 352 -17.32 -0.97 17.42
CA PHE A 352 -17.96 -1.26 16.15
C PHE A 352 -19.48 -1.09 16.23
N GLN A 353 -20.10 -1.75 17.19
CA GLN A 353 -21.53 -1.70 17.31
C GLN A 353 -22.03 -0.29 17.68
N ASN A 354 -21.32 0.38 18.55
CA ASN A 354 -21.68 1.73 18.91
C ASN A 354 -21.52 2.69 17.75
N SER A 355 -20.58 2.44 16.86
CA SER A 355 -20.48 3.30 15.68
C SER A 355 -21.66 3.06 14.70
N GLN A 356 -22.29 1.89 14.74
CA GLN A 356 -23.38 1.56 13.79
C GLN A 356 -24.66 2.28 14.18
N SER A 357 -25.05 2.15 15.43
CA SER A 357 -26.25 2.78 15.94
C SER A 357 -26.17 4.31 16.01
N ALA A 358 -24.97 4.85 15.82
CA ALA A 358 -24.76 6.30 15.87
C ALA A 358 -24.29 6.93 14.56
N GLY A 359 -24.21 6.13 13.50
CA GLY A 359 -23.61 6.57 12.24
C GLY A 359 -22.18 7.13 12.24
N ASP A 360 -21.40 6.85 13.28
CA ASP A 360 -20.16 7.59 13.58
C ASP A 360 -18.92 7.03 12.88
N ALA A 361 -18.49 7.68 11.81
CA ALA A 361 -17.39 7.13 11.03
C ALA A 361 -16.07 7.13 11.80
N LYS A 362 -15.85 8.12 12.66
CA LYS A 362 -14.57 8.24 13.33
C LYS A 362 -14.44 7.11 14.37
N MET A 363 -15.56 6.79 15.00
CA MET A 363 -15.59 5.73 15.98
C MET A 363 -15.40 4.42 15.28
N ARG A 364 -15.91 4.28 14.06
CA ARG A 364 -15.70 3.05 13.30
C ARG A 364 -14.24 2.86 12.92
N ARG A 365 -13.55 3.94 12.57
CA ARG A 365 -12.12 3.87 12.29
C ARG A 365 -11.33 3.46 13.53
N GLN A 366 -11.84 3.83 14.70
CA GLN A 366 -11.16 3.46 15.92
C GLN A 366 -11.38 1.96 16.26
N ALA A 367 -12.58 1.44 15.97
CA ALA A 367 -12.89 0.01 16.11
C ALA A 367 -11.94 -0.81 15.24
N GLN A 368 -11.63 -0.32 14.02
CA GLN A 368 -10.66 -1.03 13.15
C GLN A 368 -9.26 -1.03 13.77
N ALA A 369 -8.85 0.09 14.36
CA ALA A 369 -7.54 0.20 14.97
C ALA A 369 -7.46 -0.71 16.19
N GLU A 370 -8.49 -0.72 17.00
CA GLU A 370 -8.56 -1.65 18.12
C GLU A 370 -8.51 -3.08 17.62
N TRP A 371 -9.16 -3.37 16.47
CA TRP A 371 -9.21 -4.77 16.01
C TRP A 371 -7.79 -5.21 15.59
N ARG A 372 -7.09 -4.32 14.87
CA ARG A 372 -5.71 -4.63 14.43
C ARG A 372 -4.78 -4.78 15.64
N PHE A 373 -4.91 -3.88 16.60
CA PHE A 373 -4.24 -3.99 17.87
C PHE A 373 -4.58 -5.33 18.56
N ALA A 374 -5.87 -5.65 18.69
CA ALA A 374 -6.28 -6.86 19.41
C ALA A 374 -5.63 -8.11 18.81
N THR A 375 -5.41 -8.10 17.49
CA THR A 375 -5.07 -9.30 16.76
C THR A 375 -3.61 -9.31 16.32
N ARG A 376 -2.86 -8.29 16.75
CA ARG A 376 -1.53 -8.01 16.18
C ARG A 376 -0.62 -9.19 16.49
N GLY A 377 -0.70 -9.72 17.70
CA GLY A 377 0.20 -10.81 18.00
C GLY A 377 -0.29 -12.23 17.69
N PHE A 378 -1.39 -12.40 16.93
CA PHE A 378 -2.00 -13.74 16.76
C PHE A 378 -1.25 -14.68 15.80
N ASP A 379 -1.10 -15.92 16.22
CA ASP A 379 -0.70 -17.02 15.31
C ASP A 379 -1.86 -17.36 14.37
N GLU A 380 -1.60 -18.27 13.42
CA GLU A 380 -2.56 -18.54 12.37
C GLU A 380 -3.91 -19.05 12.87
N ASP A 381 -3.90 -19.90 13.87
CA ASP A 381 -5.15 -20.45 14.38
C ASP A 381 -6.05 -19.38 14.99
N LYS A 382 -5.48 -18.54 15.87
CA LYS A 382 -6.25 -17.42 16.43
C LYS A 382 -6.72 -16.46 15.32
N LEU A 383 -5.92 -16.26 14.30
CA LEU A 383 -6.33 -15.33 13.28
C LEU A 383 -7.58 -15.82 12.52
N LEU A 384 -7.63 -17.13 12.25
CA LEU A 384 -8.82 -17.68 11.59
C LEU A 384 -10.04 -17.68 12.48
N THR A 385 -9.80 -17.85 13.75
CA THR A 385 -10.89 -17.83 14.69
C THR A 385 -11.44 -16.41 14.76
N ALA A 386 -10.54 -15.42 14.92
CA ALA A 386 -10.90 -14.01 15.01
C ALA A 386 -11.59 -13.53 13.74
N ALA A 387 -11.12 -13.99 12.59
CA ALA A 387 -11.77 -13.66 11.31
C ALA A 387 -13.25 -14.07 11.32
N GLN A 388 -13.52 -15.29 11.78
CA GLN A 388 -14.92 -15.74 11.87
C GLN A 388 -15.68 -14.91 12.92
N THR A 389 -14.99 -14.55 13.99
CA THR A 389 -15.61 -13.72 15.03
C THR A 389 -16.07 -12.39 14.39
N ALA A 390 -15.21 -11.76 13.58
CA ALA A 390 -15.58 -10.51 12.92
C ALA A 390 -16.77 -10.71 11.96
N PHE A 391 -16.71 -11.79 11.17
CA PHE A 391 -17.69 -12.05 10.14
C PHE A 391 -19.07 -12.19 10.78
N ASP A 392 -19.15 -12.93 11.87
CA ASP A 392 -20.41 -13.11 12.59
C ASP A 392 -20.98 -11.79 13.12
N HIS A 393 -20.12 -10.85 13.49
CA HIS A 393 -20.63 -9.56 13.94
C HIS A 393 -20.90 -8.56 12.77
N GLY A 394 -20.73 -8.98 11.52
CA GLY A 394 -20.88 -8.00 10.41
C GLY A 394 -19.75 -7.00 10.26
N PHE A 395 -18.62 -7.21 10.96
CA PHE A 395 -17.40 -6.42 10.84
C PHE A 395 -16.59 -6.96 9.66
N TYR A 396 -17.15 -6.86 8.47
CA TYR A 396 -16.71 -7.71 7.35
C TYR A 396 -15.30 -7.44 6.91
N ASP A 397 -14.94 -6.15 6.94
CA ASP A 397 -13.59 -5.72 6.54
C ASP A 397 -12.52 -6.28 7.52
N MET A 398 -12.85 -6.41 8.80
CA MET A 398 -11.86 -6.97 9.75
C MET A 398 -11.80 -8.48 9.66
N ALA A 399 -12.92 -9.09 9.23
CA ALA A 399 -12.91 -10.51 8.90
C ALA A 399 -11.82 -10.77 7.85
N VAL A 400 -11.81 -9.97 6.80
CA VAL A 400 -10.87 -10.20 5.69
C VAL A 400 -9.45 -9.85 6.15
N ASN A 401 -9.31 -8.75 6.88
CA ASN A 401 -7.98 -8.30 7.38
C ASN A 401 -7.30 -9.38 8.23
N SER A 402 -8.03 -10.02 9.14
CA SER A 402 -7.46 -11.17 9.85
C SER A 402 -7.13 -12.40 8.95
N ALA A 403 -8.04 -12.82 8.07
CA ALA A 403 -7.85 -14.02 7.25
C ALA A 403 -6.68 -13.88 6.29
N GLU A 404 -6.47 -12.68 5.71
CA GLU A 404 -5.45 -12.57 4.69
C GLU A 404 -4.04 -12.53 5.31
N ARG A 405 -3.97 -12.50 6.63
CA ARG A 405 -2.68 -12.53 7.30
C ARG A 405 -2.03 -13.90 7.50
N THR A 406 -2.68 -15.00 7.13
CA THR A 406 -2.10 -16.32 7.41
C THR A 406 -1.14 -16.67 6.25
N ASP A 407 -0.22 -17.61 6.47
CA ASP A 407 0.61 -18.11 5.35
C ASP A 407 0.48 -19.60 5.02
N ARG A 408 0.40 -20.49 6.01
CA ARG A 408 0.26 -21.94 5.73
C ARG A 408 -1.17 -22.44 5.82
N LYS A 409 -1.84 -22.11 6.90
CA LYS A 409 -3.29 -22.35 7.01
C LYS A 409 -4.13 -21.34 6.20
N LEU A 410 -4.81 -21.80 5.13
CA LEU A 410 -5.54 -20.91 4.24
C LEU A 410 -7.02 -21.10 4.25
N ASN A 411 -7.76 -20.04 4.61
CA ASN A 411 -9.22 -20.12 4.49
C ASN A 411 -9.68 -19.07 3.42
N TYR A 412 -9.86 -19.52 2.20
CA TYR A 412 -10.21 -18.65 1.11
C TYR A 412 -11.65 -18.10 1.28
N THR A 413 -12.52 -18.80 1.97
CA THR A 413 -13.85 -18.25 2.16
C THR A 413 -13.90 -17.09 3.14
N LEU A 414 -12.88 -16.92 3.97
CA LEU A 414 -12.77 -15.70 4.80
C LEU A 414 -11.89 -14.66 4.12
N ARG A 415 -10.96 -15.09 3.25
CA ARG A 415 -10.16 -14.14 2.46
C ARG A 415 -11.01 -13.46 1.42
N TYR A 416 -11.83 -14.25 0.72
CA TYR A 416 -12.68 -13.80 -0.36
C TYR A 416 -14.10 -14.04 0.01
N ILE A 417 -14.57 -13.28 1.00
CA ILE A 417 -15.99 -13.31 1.37
C ILE A 417 -16.90 -12.84 0.23
N SER A 418 -18.11 -13.32 0.25
CA SER A 418 -19.11 -12.90 -0.72
C SER A 418 -20.51 -12.73 -0.07
N PRO A 419 -20.66 -11.75 0.85
CA PRO A 419 -22.03 -11.44 1.28
C PRO A 419 -22.82 -10.76 0.15
N PHE A 420 -24.15 -10.73 0.29
CA PHE A 420 -25.05 -10.01 -0.63
C PHE A 420 -25.12 -10.72 -1.99
N LYS A 421 -24.84 -12.01 -1.96
CA LYS A 421 -24.64 -12.78 -3.19
C LYS A 421 -25.85 -12.76 -4.13
N ASP A 422 -27.01 -12.99 -3.60
CA ASP A 422 -28.23 -12.93 -4.42
C ASP A 422 -28.35 -11.60 -5.18
N THR A 423 -28.16 -10.50 -4.48
CA THR A 423 -28.17 -9.19 -5.07
C THR A 423 -27.11 -9.01 -6.15
N VAL A 424 -25.84 -9.24 -5.81
CA VAL A 424 -24.79 -9.01 -6.77
C VAL A 424 -24.96 -9.89 -8.03
N ILE A 425 -25.19 -11.18 -7.82
CA ILE A 425 -25.36 -12.09 -8.95
C ILE A 425 -26.52 -11.62 -9.87
N ARG A 426 -27.68 -11.35 -9.28
CA ARG A 426 -28.81 -10.92 -10.10
C ARG A 426 -28.47 -9.73 -10.98
N HIS A 427 -27.92 -8.70 -10.34
CA HIS A 427 -27.77 -7.45 -11.06
C HIS A 427 -26.59 -7.50 -12.00
N ALA A 428 -25.58 -8.25 -11.66
CA ALA A 428 -24.47 -8.44 -12.59
C ALA A 428 -24.88 -9.22 -13.83
N GLN A 429 -25.69 -10.26 -13.67
CA GLN A 429 -26.17 -11.04 -14.81
C GLN A 429 -27.04 -10.15 -15.66
N ASN A 430 -27.88 -9.28 -15.06
CA ASN A 430 -28.75 -8.40 -15.85
C ASN A 430 -28.04 -7.42 -16.77
N VAL A 431 -26.84 -6.99 -16.43
CA VAL A 431 -26.15 -6.08 -17.34
C VAL A 431 -24.97 -6.79 -17.98
N ASN A 432 -24.94 -8.09 -17.81
CA ASN A 432 -23.98 -8.93 -18.50
C ASN A 432 -22.51 -8.69 -18.12
N VAL A 433 -22.23 -8.43 -16.86
CA VAL A 433 -20.85 -8.49 -16.38
C VAL A 433 -20.57 -9.70 -15.49
N ASP A 434 -19.33 -10.14 -15.57
CA ASP A 434 -18.84 -11.26 -14.80
C ASP A 434 -18.92 -11.04 -13.28
N PRO A 435 -19.61 -11.93 -12.54
CA PRO A 435 -19.77 -11.75 -11.12
C PRO A 435 -18.46 -11.79 -10.35
N ALA A 436 -17.48 -12.64 -10.80
CA ALA A 436 -16.16 -12.64 -10.16
C ALA A 436 -15.44 -11.32 -10.24
N TRP A 437 -15.53 -10.64 -11.38
CA TRP A 437 -15.01 -9.29 -11.51
C TRP A 437 -15.75 -8.31 -10.56
N VAL A 438 -17.07 -8.48 -10.40
CA VAL A 438 -17.82 -7.56 -9.56
C VAL A 438 -17.35 -7.69 -8.13
N TYR A 439 -17.26 -8.95 -7.65
CA TYR A 439 -16.77 -9.14 -6.28
C TYR A 439 -15.32 -8.66 -6.13
N GLY A 440 -14.50 -8.90 -7.14
CA GLY A 440 -13.18 -8.36 -7.11
C GLY A 440 -13.15 -6.88 -6.88
N LEU A 441 -14.08 -6.19 -7.54
CA LEU A 441 -14.07 -4.74 -7.45
C LEU A 441 -14.60 -4.35 -6.08
N ILE A 442 -15.69 -4.97 -5.63
CA ILE A 442 -16.23 -4.58 -4.33
C ILE A 442 -15.23 -4.79 -3.19
N ARG A 443 -14.57 -5.96 -3.20
CA ARG A 443 -13.55 -6.27 -2.20
C ARG A 443 -12.47 -5.17 -2.08
N GLN A 444 -11.97 -4.71 -3.21
CA GLN A 444 -11.03 -3.60 -3.24
C GLN A 444 -11.64 -2.20 -2.91
N GLU A 445 -12.85 -1.89 -3.40
CA GLU A 445 -13.43 -0.54 -3.26
C GLU A 445 -13.86 -0.28 -1.80
N SER A 446 -14.54 -1.25 -1.20
CA SER A 446 -15.13 -1.04 0.08
C SER A 446 -14.93 -2.12 1.09
N ARG A 447 -14.21 -3.18 0.73
CA ARG A 447 -14.09 -4.33 1.63
C ARG A 447 -15.45 -4.80 2.18
N PHE A 448 -16.50 -4.59 1.38
CA PHE A 448 -17.90 -5.02 1.76
C PHE A 448 -18.58 -4.25 2.90
N VAL A 449 -18.16 -3.03 3.14
CA VAL A 449 -18.77 -2.16 4.14
C VAL A 449 -19.89 -1.34 3.45
N ILE A 450 -21.15 -1.66 3.75
CA ILE A 450 -22.34 -1.04 3.09
C ILE A 450 -22.34 0.50 3.18
N GLY A 451 -21.95 1.04 4.34
CA GLY A 451 -21.91 2.47 4.52
C GLY A 451 -20.58 3.13 4.17
N ALA A 452 -19.75 2.50 3.33
CA ALA A 452 -18.46 3.07 3.09
C ALA A 452 -18.63 4.39 2.37
N GLN A 453 -17.73 5.33 2.62
CA GLN A 453 -17.80 6.64 2.02
C GLN A 453 -16.43 7.21 1.87
N SER A 454 -16.02 7.55 0.68
CA SER A 454 -14.66 8.05 0.57
C SER A 454 -14.57 9.55 0.89
N ARG A 455 -13.35 10.08 0.97
CA ARG A 455 -13.12 11.52 1.19
C ARG A 455 -13.89 12.48 0.28
N VAL A 456 -13.99 12.11 -1.00
CA VAL A 456 -14.51 12.97 -2.04
C VAL A 456 -16.00 12.65 -2.24
N GLY A 457 -16.48 11.72 -1.42
CA GLY A 457 -17.91 11.44 -1.43
C GLY A 457 -18.38 10.27 -2.27
N ALA A 458 -17.48 9.43 -2.76
CA ALA A 458 -17.86 8.10 -3.33
C ALA A 458 -18.56 7.23 -2.26
N GLN A 459 -19.68 6.61 -2.64
CA GLN A 459 -20.61 6.09 -1.69
C GLN A 459 -20.87 4.62 -1.94
N GLY A 460 -20.98 3.90 -0.85
CA GLY A 460 -21.44 2.54 -0.85
C GLY A 460 -20.46 1.43 -1.20
N LEU A 461 -21.04 0.24 -1.40
CA LEU A 461 -20.28 -0.97 -1.61
C LEU A 461 -19.47 -0.81 -2.84
N MET A 462 -20.02 -0.08 -3.81
CA MET A 462 -19.33 -0.02 -5.12
C MET A 462 -18.73 1.37 -5.34
N GLN A 463 -18.77 2.19 -4.30
CA GLN A 463 -18.09 3.49 -4.26
C GLN A 463 -18.43 4.30 -5.51
N VAL A 464 -19.74 4.53 -5.71
CA VAL A 464 -20.21 5.25 -6.86
C VAL A 464 -20.28 6.73 -6.55
N MET A 465 -19.76 7.59 -7.43
CA MET A 465 -19.77 9.02 -7.19
C MET A 465 -21.20 9.54 -7.36
N PRO A 466 -21.64 10.52 -6.52
CA PRO A 466 -22.98 11.12 -6.72
C PRO A 466 -23.23 11.59 -8.13
N ALA A 467 -22.31 12.35 -8.75
CA ALA A 467 -22.55 12.77 -10.17
C ALA A 467 -22.79 11.59 -11.17
N THR A 468 -21.93 10.58 -11.09
CA THR A 468 -22.13 9.35 -11.88
C THR A 468 -23.49 8.69 -11.63
N ALA A 469 -23.86 8.60 -10.35
CA ALA A 469 -25.14 8.02 -10.00
C ALA A 469 -26.33 8.75 -10.69
N ARG A 470 -26.23 10.08 -10.80
CA ARG A 470 -27.28 10.86 -11.45
C ARG A 470 -27.42 10.55 -12.93
N GLU A 471 -26.29 10.38 -13.61
CA GLU A 471 -26.24 10.02 -15.01
C GLU A 471 -26.78 8.62 -15.32
N ILE A 472 -26.44 7.66 -14.44
CA ILE A 472 -26.94 6.32 -14.49
C ILE A 472 -28.43 6.21 -14.29
N ALA A 473 -28.94 6.84 -13.22
CA ALA A 473 -30.32 6.68 -12.81
C ALA A 473 -31.26 7.20 -13.88
N GLY A 474 -30.85 8.27 -14.60
CA GLY A 474 -31.61 8.79 -15.71
C GLY A 474 -31.68 7.88 -16.95
N LYS A 475 -30.65 7.04 -17.16
CA LYS A 475 -30.68 6.00 -18.22
C LYS A 475 -31.51 4.75 -17.94
N ILE A 476 -31.69 4.36 -16.67
CA ILE A 476 -32.26 3.06 -16.38
C ILE A 476 -33.45 3.12 -15.44
N GLY A 477 -34.18 4.21 -15.49
CA GLY A 477 -35.44 4.30 -14.79
C GLY A 477 -35.31 4.28 -13.30
N MET A 478 -34.25 4.84 -12.74
CA MET A 478 -34.08 4.85 -11.29
C MET A 478 -34.12 6.27 -10.73
N ASP A 479 -34.36 6.41 -9.43
CA ASP A 479 -34.09 7.68 -8.72
C ASP A 479 -32.61 7.71 -8.27
N ALA A 480 -31.91 8.83 -8.51
CA ALA A 480 -30.55 8.99 -8.08
C ALA A 480 -30.36 8.69 -6.57
N ALA A 481 -31.40 8.93 -5.75
CA ALA A 481 -31.32 8.67 -4.31
C ALA A 481 -31.15 7.17 -3.90
N GLN A 482 -31.48 6.25 -4.82
CA GLN A 482 -31.20 4.83 -4.61
C GLN A 482 -29.66 4.52 -4.46
N LEU A 483 -28.82 5.47 -4.84
CA LEU A 483 -27.37 5.40 -4.54
C LEU A 483 -27.12 4.97 -3.10
N TYR A 484 -28.00 5.40 -2.22
CA TYR A 484 -27.81 5.22 -0.79
C TYR A 484 -28.45 3.97 -0.21
N THR A 485 -29.01 3.07 -1.03
CA THR A 485 -29.39 1.70 -0.58
C THR A 485 -28.42 0.73 -1.16
N ALA A 486 -28.19 -0.38 -0.47
CA ALA A 486 -27.23 -1.39 -0.97
C ALA A 486 -27.63 -1.98 -2.33
N ASP A 487 -28.93 -2.23 -2.48
CA ASP A 487 -29.43 -2.73 -3.77
C ASP A 487 -29.31 -1.72 -4.95
N GLY A 488 -29.78 -0.51 -4.76
CA GLY A 488 -29.59 0.52 -5.78
C GLY A 488 -28.10 0.77 -6.03
N ASN A 489 -27.28 0.70 -4.97
CA ASN A 489 -25.85 0.91 -5.17
C ASN A 489 -25.20 -0.14 -6.07
N ILE A 490 -25.55 -1.39 -5.82
CA ILE A 490 -25.05 -2.50 -6.64
C ILE A 490 -25.62 -2.44 -8.10
N ARG A 491 -26.87 -2.01 -8.26
CA ARG A 491 -27.48 -1.82 -9.59
C ARG A 491 -26.74 -0.79 -10.38
N MET A 492 -26.40 0.33 -9.74
CA MET A 492 -25.66 1.40 -10.45
C MET A 492 -24.22 0.97 -10.71
N GLY A 493 -23.57 0.37 -9.72
CA GLY A 493 -22.13 0.05 -9.90
C GLY A 493 -21.92 -1.00 -11.01
N THR A 494 -22.75 -2.06 -11.01
CA THR A 494 -22.59 -3.10 -12.01
C THR A 494 -22.92 -2.55 -13.37
N TRP A 495 -23.94 -1.70 -13.45
CA TRP A 495 -24.22 -1.02 -14.71
C TRP A 495 -23.05 -0.17 -15.22
N TYR A 496 -22.43 0.60 -14.33
CA TYR A 496 -21.31 1.43 -14.74
C TYR A 496 -20.10 0.58 -15.15
N MET A 497 -19.92 -0.59 -14.53
CA MET A 497 -18.85 -1.47 -14.94
C MET A 497 -19.12 -1.92 -16.39
N ALA A 498 -20.36 -2.31 -16.70
CA ALA A 498 -20.74 -2.74 -18.06
C ALA A 498 -20.61 -1.59 -19.00
N ASP A 499 -21.04 -0.41 -18.54
CA ASP A 499 -21.03 0.78 -19.45
C ASP A 499 -19.59 1.25 -19.75
N THR A 500 -18.72 1.32 -18.73
CA THR A 500 -17.38 1.72 -18.99
C THR A 500 -16.70 0.68 -19.86
N LYS A 501 -16.92 -0.61 -19.58
CA LYS A 501 -16.32 -1.67 -20.42
C LYS A 501 -16.68 -1.49 -21.89
N ARG A 502 -17.97 -1.29 -22.17
CA ARG A 502 -18.48 -1.14 -23.56
C ARG A 502 -17.83 0.06 -24.28
N ARG A 503 -17.56 1.12 -23.56
CA ARG A 503 -17.03 2.33 -24.14
C ARG A 503 -15.50 2.36 -24.15
N LEU A 504 -14.88 1.33 -23.56
CA LEU A 504 -13.42 1.18 -23.65
C LEU A 504 -13.06 -0.08 -24.41
N GLN A 505 -13.68 -0.22 -25.59
CA GLN A 505 -13.39 -1.34 -26.51
C GLN A 505 -13.58 -2.74 -25.92
N ASN A 506 -14.58 -2.88 -25.04
CA ASN A 506 -14.90 -4.15 -24.38
C ASN A 506 -13.79 -4.74 -23.57
N ASN A 507 -12.95 -3.90 -22.96
CA ASN A 507 -11.76 -4.39 -22.29
C ASN A 507 -11.84 -4.25 -20.79
N GLU A 508 -11.83 -5.38 -20.07
CA GLU A 508 -12.01 -5.38 -18.63
C GLU A 508 -10.87 -4.68 -17.89
N VAL A 509 -9.68 -4.68 -18.45
CA VAL A 509 -8.55 -3.97 -17.79
C VAL A 509 -8.70 -2.45 -17.89
N LEU A 510 -8.97 -1.92 -19.10
CA LEU A 510 -9.27 -0.50 -19.28
C LEU A 510 -10.49 -0.12 -18.42
N ALA A 511 -11.52 -0.97 -18.38
CA ALA A 511 -12.73 -0.70 -17.62
C ALA A 511 -12.48 -0.54 -16.13
N THR A 512 -11.65 -1.42 -15.54
CA THR A 512 -11.26 -1.33 -14.14
C THR A 512 -10.54 0.01 -13.80
N ALA A 513 -9.58 0.31 -14.70
CA ALA A 513 -8.81 1.56 -14.62
C ALA A 513 -9.76 2.76 -14.81
N GLY A 514 -10.72 2.62 -15.72
CA GLY A 514 -11.69 3.71 -15.99
C GLY A 514 -12.68 3.87 -14.85
N TYR A 515 -13.02 2.77 -14.19
CA TYR A 515 -13.91 2.82 -13.03
C TYR A 515 -13.33 3.75 -11.97
N ASN A 516 -12.06 3.51 -11.66
CA ASN A 516 -11.35 4.18 -10.60
C ASN A 516 -10.90 5.62 -10.95
N ALA A 517 -10.44 5.85 -12.17
CA ALA A 517 -9.81 7.15 -12.51
C ALA A 517 -10.55 7.92 -13.60
N GLY A 518 -11.58 7.31 -14.17
CA GLY A 518 -12.32 7.92 -15.24
C GLY A 518 -11.92 7.32 -16.58
N PRO A 519 -12.90 7.03 -17.44
CA PRO A 519 -12.58 6.43 -18.73
C PRO A 519 -11.65 7.36 -19.56
N GLY A 520 -11.78 8.66 -19.37
CA GLY A 520 -10.90 9.65 -20.02
C GLY A 520 -9.44 9.30 -19.69
N ARG A 521 -9.15 8.96 -18.43
CA ARG A 521 -7.74 8.72 -18.06
C ARG A 521 -7.25 7.39 -18.53
N ALA A 522 -8.13 6.38 -18.44
CA ALA A 522 -7.87 5.05 -18.99
C ALA A 522 -7.43 5.07 -20.44
N ARG A 523 -8.11 5.85 -21.27
CA ARG A 523 -7.70 6.01 -22.69
C ARG A 523 -6.36 6.73 -22.89
N ARG A 524 -6.13 7.81 -22.16
CA ARG A 524 -4.85 8.54 -22.13
C ARG A 524 -3.68 7.57 -21.90
N TRP A 525 -3.87 6.58 -21.02
CA TRP A 525 -2.77 5.68 -20.66
C TRP A 525 -2.55 4.60 -21.70
N GLN A 526 -3.44 4.52 -22.69
CA GLN A 526 -3.21 3.58 -23.78
C GLN A 526 -2.02 4.07 -24.61
N ALA A 527 -1.36 3.12 -25.29
CA ALA A 527 -0.25 3.42 -26.19
C ALA A 527 -0.72 3.40 -27.64
N ASP A 528 0.17 3.82 -28.53
CA ASP A 528 -0.16 3.85 -29.95
C ASP A 528 -0.09 2.46 -30.60
N THR A 529 0.48 1.49 -29.89
CA THR A 529 0.37 0.12 -30.29
C THR A 529 -0.31 -0.64 -29.16
N PRO A 530 -0.70 -1.89 -29.41
CA PRO A 530 -1.32 -2.66 -28.32
C PRO A 530 -0.34 -2.99 -27.18
N LEU A 531 -0.90 -3.24 -25.99
CA LEU A 531 -0.10 -3.56 -24.86
C LEU A 531 -0.73 -4.75 -24.20
N GLU A 532 0.11 -5.70 -23.80
CA GLU A 532 -0.28 -6.80 -22.96
C GLU A 532 -0.93 -6.22 -21.70
N GLY A 533 -2.02 -6.82 -21.25
CA GLY A 533 -2.75 -6.28 -20.09
C GLY A 533 -1.92 -5.96 -18.84
N ALA A 534 -1.04 -6.88 -18.41
CA ALA A 534 -0.11 -6.65 -17.27
C ALA A 534 0.87 -5.50 -17.50
N VAL A 535 1.35 -5.32 -18.74
CA VAL A 535 2.19 -4.18 -19.00
C VAL A 535 1.40 -2.87 -18.81
N TYR A 536 0.20 -2.79 -19.36
CA TYR A 536 -0.66 -1.61 -19.17
C TYR A 536 -0.90 -1.33 -17.67
N ALA A 537 -1.20 -2.39 -16.91
CA ALA A 537 -1.52 -2.20 -15.50
C ALA A 537 -0.26 -1.67 -14.75
N GLU A 538 0.91 -2.31 -15.00
CA GLU A 538 2.16 -1.92 -14.33
C GLU A 538 2.66 -0.53 -14.68
N THR A 539 2.23 0.01 -15.80
CA THR A 539 2.75 1.27 -16.28
C THR A 539 1.70 2.40 -16.18
N ILE A 540 0.60 2.15 -15.45
CA ILE A 540 -0.37 3.22 -15.09
C ILE A 540 0.37 4.25 -14.22
N PRO A 541 0.37 5.54 -14.63
CA PRO A 541 1.09 6.60 -13.87
C PRO A 541 0.58 6.91 -12.45
N PHE A 542 -0.74 6.80 -12.21
CA PHE A 542 -1.28 7.08 -10.88
C PHE A 542 -1.10 5.83 -10.04
N SER A 543 -0.38 5.98 -8.94
CA SER A 543 -0.05 4.88 -8.05
C SER A 543 -1.26 4.16 -7.46
N GLU A 544 -2.29 4.93 -7.09
CA GLU A 544 -3.48 4.41 -6.47
C GLU A 544 -4.17 3.50 -7.49
N THR A 545 -4.30 3.97 -8.73
CA THR A 545 -5.03 3.22 -9.75
C THR A 545 -4.19 2.03 -10.22
N ARG A 546 -2.89 2.22 -10.28
CA ARG A 546 -1.99 1.09 -10.62
C ARG A 546 -2.20 -0.04 -9.61
N ASP A 547 -2.10 0.29 -8.35
CA ASP A 547 -2.28 -0.73 -7.31
C ASP A 547 -3.69 -1.35 -7.43
N TYR A 548 -4.70 -0.51 -7.70
CA TYR A 548 -6.11 -0.90 -7.70
C TYR A 548 -6.40 -1.91 -8.79
N VAL A 549 -5.95 -1.63 -10.01
CA VAL A 549 -6.19 -2.56 -11.11
C VAL A 549 -5.63 -3.96 -10.82
N LYS A 550 -4.43 -4.06 -10.27
CA LYS A 550 -3.79 -5.35 -10.08
C LYS A 550 -4.55 -6.11 -8.98
N LYS A 551 -4.96 -5.41 -7.94
CA LYS A 551 -5.69 -6.11 -6.85
C LYS A 551 -7.03 -6.61 -7.34
N VAL A 552 -7.76 -5.80 -8.11
CA VAL A 552 -9.11 -6.16 -8.59
C VAL A 552 -9.01 -7.35 -9.52
N MET A 553 -8.10 -7.28 -10.49
CA MET A 553 -7.91 -8.46 -11.36
C MET A 553 -7.48 -9.72 -10.60
N ALA A 554 -6.55 -9.59 -9.67
CA ALA A 554 -6.21 -10.77 -8.82
C ALA A 554 -7.42 -11.23 -8.00
N ASN A 555 -8.19 -10.30 -7.44
CA ASN A 555 -9.37 -10.70 -6.63
C ASN A 555 -10.35 -11.47 -7.54
N ALA A 556 -10.61 -10.95 -8.73
CA ALA A 556 -11.49 -11.61 -9.69
C ALA A 556 -10.99 -13.02 -10.00
N ALA A 557 -9.65 -13.23 -10.06
CA ALA A 557 -9.15 -14.59 -10.34
C ALA A 557 -9.49 -15.56 -9.22
N TYR A 558 -9.39 -15.07 -7.98
CA TYR A 558 -9.76 -15.92 -6.82
C TYR A 558 -11.25 -16.17 -6.68
N TYR A 559 -12.08 -15.14 -6.94
CA TYR A 559 -13.54 -15.28 -6.92
C TYR A 559 -14.00 -16.23 -7.98
N ALA A 560 -13.41 -16.13 -9.17
CA ALA A 560 -13.80 -17.06 -10.24
C ALA A 560 -13.57 -18.54 -9.87
N ALA A 561 -12.43 -18.82 -9.22
CA ALA A 561 -12.15 -20.15 -8.70
C ALA A 561 -13.09 -20.54 -7.56
N LEU A 562 -13.41 -19.64 -6.65
CA LEU A 562 -14.36 -19.93 -5.60
C LEU A 562 -15.77 -20.21 -6.14
N PHE A 563 -16.19 -19.46 -7.17
CA PHE A 563 -17.55 -19.56 -7.69
C PHE A 563 -17.70 -20.76 -8.68
N GLY A 564 -16.63 -21.49 -8.96
CA GLY A 564 -16.66 -22.53 -9.95
C GLY A 564 -16.86 -22.08 -11.38
N ALA A 565 -16.50 -20.83 -11.71
CA ALA A 565 -16.69 -20.29 -13.09
C ALA A 565 -15.76 -21.06 -14.03
N PRO A 566 -16.07 -21.12 -15.36
CA PRO A 566 -15.10 -21.87 -16.24
C PRO A 566 -13.70 -21.20 -16.23
N HIS A 567 -12.63 -22.02 -16.23
N HIS A 567 -12.65 -22.01 -16.18
CA HIS A 567 -11.25 -21.51 -15.96
CA HIS A 567 -11.32 -21.45 -15.98
C HIS A 567 -10.67 -20.62 -17.07
C HIS A 567 -10.95 -20.53 -17.14
N ILE A 568 -10.56 -19.31 -16.80
CA ILE A 568 -9.85 -18.38 -17.69
C ILE A 568 -8.58 -17.96 -16.89
N PRO A 569 -7.39 -18.40 -17.31
CA PRO A 569 -6.18 -17.96 -16.62
C PRO A 569 -6.12 -16.41 -16.51
N LEU A 570 -5.48 -15.92 -15.45
CA LEU A 570 -5.36 -14.46 -15.21
C LEU A 570 -4.65 -13.79 -16.40
N LYS A 571 -3.62 -14.43 -16.96
CA LYS A 571 -2.98 -13.86 -18.16
C LYS A 571 -4.00 -13.62 -19.27
N GLN A 572 -4.93 -14.56 -19.43
CA GLN A 572 -5.91 -14.45 -20.51
C GLN A 572 -6.95 -13.43 -20.11
N ARG A 573 -7.34 -13.43 -18.83
CA ARG A 573 -8.23 -12.40 -18.29
C ARG A 573 -7.65 -11.00 -18.55
N MET A 574 -6.31 -10.82 -18.35
CA MET A 574 -5.63 -9.56 -18.64
C MET A 574 -5.67 -9.22 -20.15
N GLY A 575 -5.56 -10.25 -20.99
CA GLY A 575 -5.66 -10.08 -22.45
C GLY A 575 -4.66 -9.06 -22.97
N ILE A 576 -5.11 -8.29 -23.94
CA ILE A 576 -4.32 -7.33 -24.70
C ILE A 576 -5.13 -6.04 -24.75
N VAL A 577 -4.52 -4.95 -24.23
CA VAL A 577 -5.11 -3.65 -24.29
C VAL A 577 -4.81 -3.10 -25.68
N PRO A 578 -5.86 -2.72 -26.45
CA PRO A 578 -5.61 -2.30 -27.83
C PRO A 578 -4.96 -0.95 -27.93
N ALA A 579 -4.41 -0.68 -29.12
CA ALA A 579 -3.95 0.64 -29.51
C ALA A 579 -5.05 1.68 -29.26
N ARG A 580 -4.65 2.91 -28.96
CA ARG A 580 -5.55 4.07 -28.87
C ARG A 580 -6.10 4.48 -30.24
O4 Z4S B . -14.49 8.09 -9.49
C4 Z4S B . -13.74 7.30 -8.61
C5 Z4S B . -14.67 6.41 -7.75
O5 Z4S B . -14.42 6.78 -6.42
C6 Z4S B . -14.23 4.96 -7.65
O6 Z4S B . -13.09 5.02 -6.76
C1 Z4S B . -13.09 6.32 -6.15
C2 Z4S B . -12.07 7.31 -6.76
N2 Z4S B . -11.38 8.13 -5.78
C7 Z4S B . -11.87 8.49 -4.55
C8 Z4S B . -10.94 9.35 -3.72
O7 Z4S B . -12.95 8.13 -4.10
C3 Z4S B . -12.92 8.22 -7.66
O3 Z4S B . -12.21 9.28 -8.33
C1 NAG B . -14.54 7.76 -10.77
C2 NAG B . -16.04 7.65 -11.13
C3 NAG B . -16.14 7.98 -12.59
C4 NAG B . -15.47 9.36 -12.86
C5 NAG B . -14.07 9.54 -12.23
C6 NAG B . -13.60 11.00 -12.23
C7 NAG B . -17.57 6.00 -10.17
C8 NAG B . -17.74 4.53 -9.93
N2 NAG B . -16.46 6.30 -10.80
O3 NAG B . -17.51 7.93 -13.02
O4 NAG B . -15.34 9.53 -14.25
O5 NAG B . -14.08 9.11 -10.87
O6 NAG B . -12.20 10.95 -12.09
O7 NAG B . -18.40 6.86 -9.80
C1 NAG B . -16.08 10.68 -14.71
C2 NAG B . -15.35 11.11 -15.98
C3 NAG B . -16.21 12.08 -16.78
C4 NAG B . -17.48 11.38 -17.26
C5 NAG B . -18.04 10.37 -16.22
C6 NAG B . -17.81 8.90 -16.63
C7 NAG B . -12.92 11.13 -16.40
C8 NAG B . -11.53 11.58 -15.97
N2 NAG B . -13.97 11.50 -15.65
O3 NAG B . -15.53 12.54 -17.92
O4 NAG B . -18.42 12.38 -17.64
O5 NAG B . -17.49 10.50 -14.91
O6 NAG B . -18.89 8.30 -17.33
O7 NAG B . -13.06 10.43 -17.41
ZN ZN C . -31.92 -6.25 -6.43
ZN ZN D . -12.33 3.68 -4.19
ZN ZN E . 26.16 -1.60 -13.43
ZN ZN F . -20.87 -10.50 20.34
#